data_3UFN
#
_entry.id   3UFN
#
_cell.length_a   28.830
_cell.length_b   66.260
_cell.length_c   93.167
_cell.angle_alpha   90.00
_cell.angle_beta   90.00
_cell.angle_gamma   90.00
#
_symmetry.space_group_name_H-M   'P 21 21 21'
#
loop_
_entity.id
_entity.type
_entity.pdbx_description
1 polymer 'HIV-1 protease'
2 non-polymer '(2S)-N-[(2S,3R)-4-[(2S,3S,4aS,8aS)-3-(tert-butylcarbamoyl)-3,4,4a,5,6,7,8,8a-octahydro-1H-isoquinolin-2-yl]-3-hydroxy-1 -phenyl-butan-2-yl]-2-(quinolin-2-ylcarbonylamino)butanediamide'
3 non-polymer 'CHLORIDE ION'
4 water water
#
_entity_poly.entity_id   1
_entity_poly.type   'polypeptide(L)'
_entity_poly.pdbx_seq_one_letter_code
;PQITLWKRPFVTVKVGGQLKEALLDTGADNTIFEDINLPGRWKPKMVGGIGGFLKVREYDQVPIEIAGHKVIGTVLVGPT
PVNVIGRDTMTQIGATLNF
;
_entity_poly.pdbx_strand_id   A,B
#
# COMPACT_ATOMS: atom_id res chain seq x y z
N PRO A 1 -10.10 -5.76 -14.80
CA PRO A 1 -11.25 -5.32 -14.00
C PRO A 1 -11.12 -3.91 -13.45
N GLN A 2 -12.23 -3.43 -12.91
CA GLN A 2 -12.26 -2.22 -12.12
C GLN A 2 -12.66 -2.62 -10.69
N ILE A 3 -11.75 -2.41 -9.77
CA ILE A 3 -11.72 -2.86 -8.38
CA ILE A 3 -11.72 -2.86 -8.38
C ILE A 3 -12.06 -1.74 -7.41
N THR A 4 -13.16 -1.81 -6.66
CA THR A 4 -13.42 -0.87 -5.57
C THR A 4 -12.57 -1.28 -4.35
N LEU A 5 -12.54 -0.46 -3.31
CA LEU A 5 -11.56 -0.69 -2.25
C LEU A 5 -12.24 -0.93 -0.91
N TRP A 6 -13.51 -1.38 -0.93
CA TRP A 6 -14.20 -1.64 0.32
C TRP A 6 -13.65 -2.87 1.03
N LYS A 7 -13.10 -3.81 0.25
CA LYS A 7 -12.33 -4.88 0.90
C LYS A 7 -10.88 -4.75 0.45
N ARG A 8 -9.98 -5.44 1.13
CA ARG A 8 -8.58 -5.46 0.77
C ARG A 8 -8.43 -6.06 -0.61
N PRO A 9 -7.75 -5.38 -1.54
CA PRO A 9 -7.70 -5.88 -2.94
C PRO A 9 -6.69 -6.98 -3.16
N PHE A 10 -7.03 -8.19 -2.72
CA PHE A 10 -6.25 -9.37 -2.98
C PHE A 10 -6.59 -9.93 -4.37
N VAL A 11 -5.56 -10.46 -5.03
CA VAL A 11 -5.74 -11.14 -6.29
C VAL A 11 -4.95 -12.45 -6.26
N THR A 12 -5.46 -13.37 -7.07
CA THR A 12 -4.81 -14.62 -7.35
C THR A 12 -3.57 -14.35 -8.19
N VAL A 13 -2.42 -14.88 -7.83
CA VAL A 13 -1.24 -14.77 -8.68
C VAL A 13 -0.53 -16.10 -8.79
N LYS A 14 0.03 -16.29 -9.98
CA LYS A 14 0.84 -17.50 -10.12
C LYS A 14 2.29 -17.06 -10.13
N VAL A 15 3.07 -17.48 -9.14
CA VAL A 15 4.42 -16.90 -9.09
C VAL A 15 5.38 -18.07 -9.12
N GLY A 16 6.37 -18.08 -10.03
CA GLY A 16 6.99 -19.39 -10.26
C GLY A 16 5.92 -20.39 -10.65
N GLY A 17 5.93 -21.59 -10.05
CA GLY A 17 4.90 -22.53 -10.51
C GLY A 17 3.62 -22.58 -9.69
N GLN A 18 3.45 -21.65 -8.76
CA GLN A 18 2.62 -21.75 -7.59
C GLN A 18 1.50 -20.71 -7.55
N LEU A 19 0.31 -21.17 -7.25
CA LEU A 19 -0.81 -20.25 -7.09
C LEU A 19 -0.78 -19.65 -5.70
N LYS A 20 -0.83 -18.33 -5.62
CA LYS A 20 -0.80 -17.64 -4.33
C LYS A 20 -1.83 -16.52 -4.39
N GLU A 21 -1.93 -15.81 -3.28
CA GLU A 21 -2.69 -14.57 -3.25
CA GLU A 21 -2.64 -14.53 -3.43
C GLU A 21 -1.84 -13.44 -2.72
N ALA A 22 -2.13 -12.23 -3.21
CA ALA A 22 -1.33 -11.11 -2.71
C ALA A 22 -2.12 -9.82 -2.86
N LEU A 23 -1.73 -8.84 -2.07
CA LEU A 23 -2.39 -7.57 -1.98
C LEU A 23 -1.94 -6.55 -3.02
N LEU A 24 -2.85 -6.01 -3.84
CA LEU A 24 -2.47 -4.95 -4.80
C LEU A 24 -2.18 -3.70 -3.97
N ASP A 25 -0.93 -3.23 -3.93
CA ASP A 25 -0.52 -2.25 -2.92
C ASP A 25 0.18 -1.08 -3.58
N THR A 26 -0.60 -0.02 -3.86
CA THR A 26 0.01 1.12 -4.56
C THR A 26 1.02 1.84 -3.67
N GLY A 27 1.01 1.61 -2.36
CA GLY A 27 1.96 2.25 -1.44
C GLY A 27 3.22 1.40 -1.33
N ALA A 28 3.41 0.32 -2.10
CA ALA A 28 4.63 -0.49 -1.99
C ALA A 28 5.45 -0.37 -3.24
N ASP A 29 6.74 -0.15 -3.07
CA ASP A 29 7.61 -0.11 -4.24
C ASP A 29 7.84 -1.51 -4.82
N ASN A 30 7.90 -2.51 -3.96
CA ASN A 30 8.37 -3.84 -4.33
C ASN A 30 7.28 -4.89 -4.20
N THR A 31 7.54 -6.06 -4.78
CA THR A 31 6.66 -7.22 -4.72
C THR A 31 7.30 -8.23 -3.79
N ILE A 32 6.58 -8.57 -2.71
CA ILE A 32 7.16 -9.36 -1.63
C ILE A 32 6.24 -10.50 -1.22
N PHE A 33 6.77 -11.71 -1.19
CA PHE A 33 6.05 -12.89 -0.72
C PHE A 33 6.71 -13.52 0.50
N GLU A 34 5.95 -14.18 1.36
CA GLU A 34 6.41 -15.00 2.44
C GLU A 34 6.03 -16.43 2.02
N ASP A 35 4.90 -16.73 1.33
CA ASP A 35 4.75 -18.20 1.29
C ASP A 35 4.99 -18.82 -0.08
N ILE A 36 6.14 -18.53 -0.66
CA ILE A 36 6.49 -19.16 -1.94
C ILE A 36 7.90 -19.72 -1.78
N ASN A 37 8.32 -20.65 -2.63
CA ASN A 37 9.64 -21.22 -2.70
C ASN A 37 10.14 -21.11 -4.16
N LEU A 38 11.21 -20.35 -4.37
CA LEU A 38 11.79 -20.15 -5.69
C LEU A 38 13.17 -20.80 -5.73
N PRO A 39 13.53 -21.33 -6.89
CA PRO A 39 14.75 -22.12 -7.01
C PRO A 39 15.96 -21.23 -7.20
N GLY A 40 17.13 -21.77 -6.91
CA GLY A 40 18.36 -21.12 -7.26
C GLY A 40 18.85 -20.05 -6.32
N ARG A 41 19.85 -19.32 -6.83
CA ARG A 41 20.55 -18.35 -6.01
C ARG A 41 19.72 -17.07 -5.90
N TRP A 42 19.91 -16.38 -4.79
CA TRP A 42 19.24 -15.09 -4.59
C TRP A 42 20.27 -14.12 -4.08
N LYS A 43 19.95 -12.84 -4.03
CA LYS A 43 20.77 -11.76 -3.57
C LYS A 43 20.15 -11.18 -2.30
N PRO A 44 20.95 -10.84 -1.31
CA PRO A 44 20.44 -10.16 -0.11
C PRO A 44 19.96 -8.75 -0.46
N LYS A 45 18.83 -8.35 0.12
CA LYS A 45 18.31 -7.02 -0.09
C LYS A 45 17.61 -6.57 1.18
N MET A 46 17.54 -5.27 1.44
CA MET A 46 16.87 -4.74 2.61
C MET A 46 15.65 -3.94 2.12
N VAL A 47 14.49 -4.07 2.76
CA VAL A 47 13.34 -3.24 2.42
C VAL A 47 12.85 -2.55 3.68
N GLY A 48 12.19 -1.41 3.46
CA GLY A 48 11.69 -0.58 4.56
C GLY A 48 10.18 -0.64 4.58
N GLY A 49 9.64 -0.36 5.74
CA GLY A 49 8.21 -0.15 5.91
C GLY A 49 7.99 0.77 7.10
N ILE A 50 6.76 0.72 7.62
CA ILE A 50 6.45 1.64 8.68
C ILE A 50 7.30 1.42 9.92
N GLY A 51 7.67 0.19 10.26
CA GLY A 51 8.25 -0.12 11.56
C GLY A 51 9.76 -0.18 11.60
N GLY A 52 10.40 -0.18 10.43
CA GLY A 52 11.84 -0.44 10.36
C GLY A 52 12.14 -1.15 9.05
N PHE A 53 13.21 -1.94 9.07
CA PHE A 53 13.76 -2.52 7.86
C PHE A 53 13.87 -4.03 8.01
N LEU A 54 13.54 -4.74 6.95
CA LEU A 54 13.60 -6.20 6.90
C LEU A 54 14.62 -6.68 5.84
N LYS A 55 15.20 -7.82 6.17
CA LYS A 55 16.08 -8.60 5.33
C LYS A 55 15.27 -9.56 4.47
N VAL A 56 15.41 -9.49 3.14
CA VAL A 56 14.70 -10.35 2.21
C VAL A 56 15.64 -10.94 1.18
N ARG A 57 15.15 -11.95 0.49
CA ARG A 57 15.88 -12.61 -0.59
CA ARG A 57 15.90 -12.60 -0.59
C ARG A 57 15.41 -12.04 -1.92
N GLU A 58 16.30 -11.55 -2.77
CA GLU A 58 15.89 -11.02 -4.07
C GLU A 58 16.11 -12.09 -5.17
N TYR A 59 15.01 -12.45 -5.84
CA TYR A 59 15.08 -13.36 -6.97
C TYR A 59 14.75 -12.58 -8.24
N ASP A 60 15.61 -12.66 -9.24
CA ASP A 60 15.42 -11.88 -10.44
C ASP A 60 14.77 -12.64 -11.60
N GLN A 61 14.11 -11.89 -12.46
CA GLN A 61 13.51 -12.41 -13.69
C GLN A 61 12.61 -13.63 -13.43
N VAL A 62 11.67 -13.43 -12.51
CA VAL A 62 10.70 -14.41 -12.10
C VAL A 62 9.38 -14.20 -12.82
N PRO A 63 8.80 -15.23 -13.43
CA PRO A 63 7.48 -15.04 -14.02
C PRO A 63 6.36 -14.92 -12.98
N ILE A 64 5.51 -13.96 -13.28
CA ILE A 64 4.34 -13.60 -12.48
C ILE A 64 3.15 -13.55 -13.42
N GLU A 65 2.12 -14.30 -13.08
CA GLU A 65 0.85 -14.13 -13.79
C GLU A 65 -0.25 -13.54 -12.91
N ILE A 66 -0.83 -12.44 -13.31
CA ILE A 66 -1.95 -11.77 -12.65
C ILE A 66 -2.98 -11.36 -13.69
N ALA A 67 -4.21 -11.77 -13.43
CA ALA A 67 -5.31 -11.40 -14.29
C ALA A 67 -5.03 -11.63 -15.77
N GLY A 68 -4.36 -12.73 -16.05
CA GLY A 68 -4.08 -13.20 -17.40
C GLY A 68 -2.91 -12.52 -18.03
N HIS A 69 -2.25 -11.60 -17.36
CA HIS A 69 -1.11 -10.87 -17.90
C HIS A 69 0.16 -11.56 -17.41
N LYS A 70 0.97 -12.11 -18.29
CA LYS A 70 2.15 -12.78 -17.78
C LYS A 70 3.33 -11.81 -17.82
N VAL A 71 3.93 -11.53 -16.66
CA VAL A 71 5.04 -10.58 -16.68
C VAL A 71 6.29 -11.19 -16.05
N ILE A 72 7.43 -10.57 -16.28
CA ILE A 72 8.71 -11.02 -15.71
C ILE A 72 9.21 -9.93 -14.79
N GLY A 73 9.42 -10.24 -13.51
CA GLY A 73 9.88 -9.18 -12.62
C GLY A 73 10.75 -9.68 -11.50
N THR A 74 11.13 -8.76 -10.63
CA THR A 74 11.91 -9.07 -9.43
C THR A 74 10.94 -9.47 -8.34
N VAL A 75 11.20 -10.60 -7.68
CA VAL A 75 10.30 -11.00 -6.59
C VAL A 75 11.15 -11.08 -5.32
N LEU A 76 10.70 -10.45 -4.24
CA LEU A 76 11.43 -10.57 -2.97
C LEU A 76 10.72 -11.59 -2.08
N VAL A 77 11.47 -12.39 -1.35
CA VAL A 77 10.94 -13.34 -0.38
C VAL A 77 11.44 -12.93 0.99
N GLY A 78 10.54 -12.63 1.90
CA GLY A 78 10.95 -12.08 3.18
C GLY A 78 9.80 -12.21 4.17
N PRO A 79 10.10 -11.92 5.42
CA PRO A 79 9.13 -12.01 6.51
C PRO A 79 8.12 -10.88 6.51
N THR A 80 7.45 -10.72 5.37
CA THR A 80 6.32 -9.79 5.35
C THR A 80 5.08 -10.48 5.91
N PRO A 81 4.27 -9.81 6.71
CA PRO A 81 3.04 -10.37 7.23
C PRO A 81 1.95 -10.66 6.20
N VAL A 82 2.05 -10.05 5.03
CA VAL A 82 1.07 -10.10 3.94
C VAL A 82 1.86 -10.09 2.62
N ASN A 83 1.51 -10.98 1.68
CA ASN A 83 2.12 -10.90 0.36
C ASN A 83 1.63 -9.62 -0.35
N VAL A 84 2.55 -8.88 -0.94
CA VAL A 84 2.17 -7.63 -1.61
C VAL A 84 2.69 -7.62 -3.06
N ILE A 85 1.82 -7.12 -3.93
CA ILE A 85 2.11 -6.78 -5.32
C ILE A 85 2.34 -5.28 -5.34
N GLY A 86 3.58 -4.85 -5.54
CA GLY A 86 3.92 -3.44 -5.53
C GLY A 86 3.87 -2.80 -6.88
N ARG A 87 4.27 -1.53 -6.90
CA ARG A 87 4.15 -0.78 -8.17
C ARG A 87 5.04 -1.37 -9.24
N ASP A 88 6.15 -1.99 -8.89
CA ASP A 88 7.02 -2.56 -9.94
C ASP A 88 6.28 -3.60 -10.77
N THR A 89 5.38 -4.37 -10.19
CA THR A 89 4.60 -5.35 -10.96
C THR A 89 3.36 -4.70 -11.53
N MET A 90 2.72 -3.81 -10.78
CA MET A 90 1.45 -3.22 -11.25
C MET A 90 1.69 -2.38 -12.50
N THR A 91 2.83 -1.68 -12.59
CA THR A 91 3.07 -0.93 -13.82
C THR A 91 3.17 -1.85 -15.02
N GLN A 92 3.63 -3.07 -14.85
CA GLN A 92 3.81 -4.00 -15.98
C GLN A 92 2.47 -4.52 -16.48
N ILE A 93 1.41 -4.47 -15.66
CA ILE A 93 0.11 -4.92 -16.17
C ILE A 93 -0.78 -3.74 -16.52
N GLY A 94 -0.22 -2.52 -16.48
CA GLY A 94 -0.94 -1.33 -16.88
C GLY A 94 -1.97 -0.86 -15.87
N ALA A 95 -1.77 -1.20 -14.59
CA ALA A 95 -2.74 -0.79 -13.58
C ALA A 95 -2.70 0.70 -13.30
N THR A 96 -3.89 1.25 -13.09
CA THR A 96 -4.01 2.65 -12.72
C THR A 96 -4.92 2.80 -11.51
N LEU A 97 -4.67 3.87 -10.78
CA LEU A 97 -5.56 4.25 -9.68
C LEU A 97 -6.44 5.37 -10.19
N ASN A 98 -7.74 5.29 -9.96
CA ASN A 98 -8.60 6.26 -10.61
C ASN A 98 -9.53 6.85 -9.56
N PHE A 99 -9.79 8.15 -9.63
CA PHE A 99 -10.94 8.67 -8.90
C PHE A 99 -11.46 9.93 -9.58
N PRO B 1 -9.03 11.83 -11.62
CA PRO B 1 -7.94 11.53 -12.54
C PRO B 1 -7.63 10.03 -12.64
N GLN B 2 -6.81 9.76 -13.64
CA GLN B 2 -6.27 8.43 -13.84
C GLN B 2 -4.77 8.50 -13.55
N ILE B 3 -4.30 7.71 -12.61
CA ILE B 3 -2.92 7.83 -12.13
C ILE B 3 -2.14 6.58 -12.51
N THR B 4 -1.09 6.68 -13.30
CA THR B 4 -0.22 5.52 -13.52
C THR B 4 0.71 5.36 -12.32
N LEU B 5 1.44 4.25 -12.26
CA LEU B 5 2.14 3.94 -11.01
C LEU B 5 3.63 3.91 -11.19
N TRP B 6 4.15 4.61 -12.19
CA TRP B 6 5.61 4.65 -12.40
C TRP B 6 6.34 5.45 -11.34
N LYS B 7 5.58 6.32 -10.69
CA LYS B 7 6.11 7.02 -9.54
C LYS B 7 5.14 6.83 -8.38
N ARG B 8 5.60 7.12 -7.15
CA ARG B 8 4.71 6.93 -6.02
C ARG B 8 3.52 7.85 -6.11
N PRO B 9 2.30 7.40 -5.94
CA PRO B 9 1.12 8.25 -6.11
C PRO B 9 0.82 9.13 -4.92
N PHE B 10 1.45 10.27 -4.84
CA PHE B 10 1.13 11.26 -3.83
C PHE B 10 0.03 12.21 -4.27
N VAL B 11 -0.73 12.65 -3.31
CA VAL B 11 -1.74 13.66 -3.59
C VAL B 11 -1.69 14.71 -2.50
N THR B 12 -2.16 15.92 -2.85
CA THR B 12 -2.32 16.99 -1.89
C THR B 12 -3.59 16.76 -1.10
N VAL B 13 -3.53 16.94 0.21
CA VAL B 13 -4.76 16.90 1.01
C VAL B 13 -4.72 18.07 1.98
N LYS B 14 -5.90 18.45 2.41
CA LYS B 14 -5.98 19.46 3.45
C LYS B 14 -6.54 18.83 4.71
N VAL B 15 -5.79 18.94 5.80
CA VAL B 15 -6.26 18.34 7.05
C VAL B 15 -5.90 19.23 8.22
N GLY B 16 -6.80 19.47 9.17
CA GLY B 16 -6.51 20.39 10.26
C GLY B 16 -6.15 21.78 9.76
N GLY B 17 -6.63 22.17 8.58
CA GLY B 17 -6.35 23.49 8.05
C GLY B 17 -5.03 23.63 7.33
N GLN B 18 -4.24 22.56 7.20
CA GLN B 18 -2.97 22.62 6.52
C GLN B 18 -2.89 21.71 5.30
N LEU B 19 -2.17 22.22 4.31
CA LEU B 19 -2.00 21.42 3.09
C LEU B 19 -0.83 20.47 3.35
N LYS B 20 -1.09 19.22 3.06
CA LYS B 20 -0.12 18.15 3.27
C LYS B 20 -0.05 17.39 1.95
C LYS B 20 -0.23 17.10 2.16
N GLU B 21 0.91 16.50 1.84
CA GLU B 21 0.95 15.49 0.81
C GLU B 21 0.93 14.11 1.43
N ALA B 22 0.32 13.17 0.74
CA ALA B 22 0.19 11.84 1.30
C ALA B 22 0.10 10.81 0.19
N LEU B 23 0.57 9.62 0.51
CA LEU B 23 0.61 8.51 -0.45
C LEU B 23 -0.74 7.81 -0.58
N LEU B 24 -1.31 7.72 -1.77
CA LEU B 24 -2.54 6.97 -2.02
C LEU B 24 -2.23 5.48 -1.97
N ASP B 25 -2.72 4.80 -0.93
CA ASP B 25 -2.22 3.47 -0.68
C ASP B 25 -3.33 2.42 -0.60
N THR B 26 -3.50 1.67 -1.69
CA THR B 26 -4.56 0.66 -1.76
C THR B 26 -4.25 -0.51 -0.82
N GLY B 27 -3.01 -0.59 -0.33
CA GLY B 27 -2.72 -1.73 0.54
C GLY B 27 -3.00 -1.43 1.99
N ALA B 28 -3.21 -0.15 2.33
CA ALA B 28 -3.39 0.21 3.73
C ALA B 28 -4.83 0.28 4.17
N ASP B 29 -5.14 -0.27 5.34
CA ASP B 29 -6.44 -0.10 5.95
C ASP B 29 -6.66 1.33 6.45
N ASN B 30 -5.61 1.92 6.94
CA ASN B 30 -5.63 3.14 7.76
C ASN B 30 -5.00 4.34 7.07
N THR B 31 -5.38 5.53 7.54
CA THR B 31 -4.89 6.83 7.08
C THR B 31 -4.02 7.43 8.17
N ILE B 32 -2.79 7.85 7.93
CA ILE B 32 -1.91 8.29 8.99
C ILE B 32 -1.03 9.46 8.56
N PHE B 33 -0.81 10.39 9.47
CA PHE B 33 0.03 11.54 9.23
C PHE B 33 1.07 11.66 10.35
N GLU B 34 2.17 12.29 9.95
CA GLU B 34 3.19 12.73 10.88
C GLU B 34 3.03 14.24 11.11
N ASP B 35 3.14 14.71 12.33
CA ASP B 35 3.09 16.13 12.65
C ASP B 35 1.93 16.87 11.99
N ILE B 36 0.75 16.60 12.52
CA ILE B 36 -0.37 17.49 12.27
C ILE B 36 -0.99 17.62 13.65
N ASN B 37 -1.61 18.79 13.81
CA ASN B 37 -2.18 18.97 15.15
C ASN B 37 -3.68 19.12 14.91
N LEU B 38 -4.39 18.18 15.52
CA LEU B 38 -5.83 18.11 15.42
C LEU B 38 -6.44 18.42 16.79
N PRO B 39 -7.63 19.00 16.76
CA PRO B 39 -8.32 19.31 18.02
C PRO B 39 -9.16 18.15 18.52
N GLY B 40 -9.66 18.28 19.76
CA GLY B 40 -10.58 17.28 20.28
C GLY B 40 -9.85 16.09 20.85
N ARG B 41 -10.58 15.07 21.30
CA ARG B 41 -9.86 13.97 21.97
C ARG B 41 -9.37 12.93 20.98
N TRP B 42 -8.39 12.14 21.40
CA TRP B 42 -7.85 11.03 20.64
C TRP B 42 -7.79 9.81 21.56
N LYS B 43 -7.58 8.66 20.96
CA LYS B 43 -7.38 7.45 21.75
C LYS B 43 -6.16 6.71 21.22
N PRO B 44 -5.43 6.02 22.09
CA PRO B 44 -4.22 5.33 21.66
C PRO B 44 -4.54 4.10 20.82
N LYS B 45 -3.71 3.96 19.81
CA LYS B 45 -3.85 2.83 18.89
C LYS B 45 -2.46 2.35 18.51
N MET B 46 -2.34 1.08 18.17
CA MET B 46 -1.09 0.54 17.63
C MET B 46 -1.35 0.04 16.22
N VAL B 47 -0.48 0.39 15.27
CA VAL B 47 -0.71 -0.12 13.92
CA VAL B 47 -0.69 -0.10 13.92
C VAL B 47 0.56 -0.87 13.53
N GLY B 48 0.37 -2.01 12.88
CA GLY B 48 1.52 -2.77 12.44
C GLY B 48 1.77 -2.69 10.94
N GLY B 49 3.01 -2.90 10.53
CA GLY B 49 3.30 -3.03 9.13
C GLY B 49 4.65 -3.70 8.98
N ILE B 50 5.27 -3.46 7.83
CA ILE B 50 6.59 -4.05 7.60
C ILE B 50 7.58 -3.45 8.58
N GLY B 51 8.22 -4.31 9.34
CA GLY B 51 9.25 -3.89 10.26
C GLY B 51 8.72 -3.79 11.67
N GLY B 52 7.40 -3.94 11.86
CA GLY B 52 6.95 -3.78 13.25
C GLY B 52 5.81 -2.82 13.42
N PHE B 53 5.61 -2.39 14.66
CA PHE B 53 4.42 -1.64 15.04
C PHE B 53 4.77 -0.19 15.36
N LEU B 54 3.73 0.63 15.22
CA LEU B 54 3.73 2.05 15.43
C LEU B 54 2.66 2.39 16.49
N LYS B 55 3.08 3.16 17.49
CA LYS B 55 2.19 3.76 18.48
C LYS B 55 1.67 5.09 17.92
N VAL B 56 0.34 5.19 17.86
CA VAL B 56 -0.26 6.36 17.28
C VAL B 56 -1.41 6.86 18.14
N ARG B 57 -1.82 8.07 17.79
CA ARG B 57 -3.03 8.67 18.31
C ARG B 57 -4.13 8.53 17.27
N GLU B 58 -5.29 8.06 17.66
CA GLU B 58 -6.43 7.94 16.76
C GLU B 58 -7.43 9.08 16.99
N TYR B 59 -7.67 9.84 15.92
CA TYR B 59 -8.69 10.86 15.97
C TYR B 59 -9.88 10.49 15.08
N ASP B 60 -11.08 10.61 15.62
CA ASP B 60 -12.25 10.12 14.88
C ASP B 60 -13.02 11.29 14.25
N GLN B 61 -13.76 11.02 13.20
CA GLN B 61 -14.61 11.94 12.45
C GLN B 61 -13.92 13.27 12.10
N VAL B 62 -12.72 13.15 11.54
CA VAL B 62 -11.87 14.24 11.12
C VAL B 62 -12.14 14.61 9.66
N PRO B 63 -12.41 15.87 9.32
CA PRO B 63 -12.53 16.25 7.91
C PRO B 63 -11.18 16.30 7.19
N ILE B 64 -11.14 15.71 6.02
CA ILE B 64 -10.00 15.71 5.13
C ILE B 64 -10.48 16.18 3.77
N GLU B 65 -9.78 17.07 3.11
CA GLU B 65 -10.19 17.36 1.75
C GLU B 65 -9.19 16.65 0.86
N ILE B 66 -9.64 15.85 -0.08
CA ILE B 66 -8.60 15.11 -0.82
C ILE B 66 -8.77 15.25 -2.31
N ALA B 67 -7.80 15.76 -3.04
CA ALA B 67 -7.26 17.07 -3.21
C ALA B 67 -8.38 18.11 -3.39
N GLY B 68 -9.55 17.68 -3.86
CA GLY B 68 -10.75 18.44 -3.91
C GLY B 68 -12.01 18.00 -3.16
N HIS B 69 -12.11 16.81 -2.60
CA HIS B 69 -13.34 16.29 -2.02
C HIS B 69 -13.37 16.21 -0.49
N LYS B 70 -14.54 16.48 0.13
CA LYS B 70 -14.63 16.40 1.59
C LYS B 70 -14.95 14.97 2.06
N VAL B 71 -14.02 14.48 2.87
CA VAL B 71 -14.22 13.21 3.53
C VAL B 71 -14.16 13.39 5.05
N ILE B 72 -14.99 12.67 5.77
CA ILE B 72 -14.88 12.68 7.23
C ILE B 72 -14.53 11.27 7.67
N GLY B 73 -13.47 11.09 8.43
CA GLY B 73 -13.14 9.72 8.81
C GLY B 73 -12.10 9.70 9.91
N THR B 74 -11.56 8.52 10.13
CA THR B 74 -10.55 8.34 11.16
C THR B 74 -9.15 8.68 10.64
N VAL B 75 -8.40 9.44 11.42
CA VAL B 75 -7.04 9.84 11.07
C VAL B 75 -6.09 9.46 12.21
N LEU B 76 -5.04 8.75 11.84
CA LEU B 76 -4.01 8.39 12.82
C LEU B 76 -2.85 9.38 12.75
N VAL B 77 -2.25 9.65 13.91
CA VAL B 77 -1.08 10.51 13.95
C VAL B 77 0.03 9.82 14.75
N GLY B 78 1.20 9.72 14.14
CA GLY B 78 2.33 9.08 14.84
C GLY B 78 3.61 9.27 14.03
N PRO B 79 4.72 8.77 14.56
CA PRO B 79 6.02 8.96 13.92
C PRO B 79 6.29 8.05 12.72
N THR B 80 5.46 8.15 11.70
CA THR B 80 5.56 7.48 10.41
C THR B 80 6.55 8.20 9.50
N PRO B 81 7.31 7.48 8.68
CA PRO B 81 8.21 8.14 7.70
C PRO B 81 7.42 8.76 6.56
N VAL B 82 6.12 8.47 6.42
CA VAL B 82 5.36 8.95 5.25
C VAL B 82 3.89 9.13 5.66
N ASN B 83 3.23 10.18 5.15
CA ASN B 83 1.79 10.30 5.32
C ASN B 83 1.09 9.37 4.31
N VAL B 84 0.06 8.67 4.74
CA VAL B 84 -0.61 7.68 3.91
C VAL B 84 -2.13 7.87 3.95
N ILE B 85 -2.75 7.83 2.77
CA ILE B 85 -4.19 7.80 2.61
C ILE B 85 -4.58 6.34 2.34
N GLY B 86 -5.27 5.72 3.28
CA GLY B 86 -5.57 4.31 3.12
C GLY B 86 -6.96 4.10 2.58
N ARG B 87 -7.39 2.85 2.51
CA ARG B 87 -8.69 2.52 1.91
C ARG B 87 -9.86 3.13 2.66
N ASP B 88 -9.71 3.34 3.96
CA ASP B 88 -10.80 3.92 4.76
C ASP B 88 -11.19 5.32 4.26
N THR B 89 -10.23 6.04 3.73
CA THR B 89 -10.52 7.34 3.14
C THR B 89 -10.83 7.19 1.67
N MET B 90 -10.05 6.39 0.94
CA MET B 90 -10.21 6.32 -0.50
C MET B 90 -11.57 5.76 -0.92
N THR B 91 -12.17 4.84 -0.16
CA THR B 91 -13.53 4.40 -0.54
C THR B 91 -14.53 5.55 -0.57
N GLN B 92 -14.27 6.58 0.24
CA GLN B 92 -15.26 7.65 0.32
C GLN B 92 -15.17 8.58 -0.87
N ILE B 93 -14.13 8.48 -1.69
CA ILE B 93 -14.07 9.32 -2.90
C ILE B 93 -14.21 8.40 -4.11
N GLY B 94 -14.56 7.13 -3.86
CA GLY B 94 -14.86 6.27 -5.00
C GLY B 94 -13.66 5.84 -5.78
N ALA B 95 -12.51 5.77 -5.14
CA ALA B 95 -11.28 5.32 -5.80
C ALA B 95 -11.34 3.85 -6.17
N THR B 96 -10.79 3.55 -7.36
CA THR B 96 -10.73 2.19 -7.85
C THR B 96 -9.37 1.92 -8.50
N LEU B 97 -9.01 0.65 -8.49
CA LEU B 97 -7.89 0.17 -9.25
CA LEU B 97 -7.90 0.05 -9.19
C LEU B 97 -8.38 -0.48 -10.54
N ASN B 98 -7.66 -0.18 -11.61
CA ASN B 98 -8.10 -0.61 -12.93
C ASN B 98 -6.92 -1.22 -13.65
N PHE B 99 -7.16 -2.40 -14.20
CA PHE B 99 -6.23 -2.84 -15.23
C PHE B 99 -6.93 -3.81 -16.18
#